data_7XNE
#
_entry.id   7XNE
#
_cell.length_a   47.385
_cell.length_b   63.267
_cell.length_c   97.288
_cell.angle_alpha   90.000
_cell.angle_beta   90.000
_cell.angle_gamma   90.000
#
_symmetry.space_group_name_H-M   'P 21 21 21'
#
loop_
_entity.id
_entity.type
_entity.pdbx_description
1 polymer 'CREB-binding protein'
2 non-polymer N-[3-(1-cyclopropylpyrazol-4-yl)-2-fluoranyl-5-[(1S)-1-oxidanylethyl]phenyl]-3-ethanoyl-7-methoxy-indolizine-1-carboxamide
3 non-polymer GLYCEROL
4 water water
#
_entity_poly.entity_id   1
_entity_poly.type   'polypeptide(L)'
_entity_poly.pdbx_seq_one_letter_code
;MKKGHHHHHHLVPRGSRKKIFKPEELRQALMPTLEALYRQDPESLPFRQPVDPQLLGIPDYFDIVKNPMDLSTIKRKLDT
GQYQEPWQYVDDVWLMFNNAWLYNRKTSRVYKFCSKLAEVFEQEIDPVMQSLG
;
_entity_poly.pdbx_strand_id   A,B
#
loop_
_chem_comp.id
_chem_comp.type
_chem_comp.name
_chem_comp.formula
GHF non-polymer N-[3-(1-cyclopropylpyrazol-4-yl)-2-fluoranyl-5-[(1S)-1-oxidanylethyl]phenyl]-3-ethanoyl-7-methoxy-indolizine-1-carboxamide 'C26 H25 F N4 O4'
GOL non-polymer GLYCEROL 'C3 H8 O3'
#
# COMPACT_ATOMS: atom_id res chain seq x y z
N LYS A 19 21.65 -25.56 18.12
CA LYS A 19 20.85 -25.06 19.28
C LYS A 19 19.36 -24.88 18.91
N ILE A 20 18.49 -25.58 19.62
CA ILE A 20 17.08 -25.70 19.26
C ILE A 20 16.29 -24.93 20.32
N PHE A 21 15.28 -24.17 19.89
CA PHE A 21 14.41 -23.40 20.80
C PHE A 21 12.97 -23.77 20.61
N LYS A 22 12.18 -23.47 21.63
CA LYS A 22 10.74 -23.69 21.58
C LYS A 22 10.01 -22.46 20.96
N PRO A 23 8.90 -22.69 20.20
CA PRO A 23 8.16 -21.59 19.53
C PRO A 23 7.77 -20.41 20.43
N GLU A 24 7.16 -20.66 21.60
CA GLU A 24 6.75 -19.57 22.49
C GLU A 24 7.92 -18.77 23.02
N GLU A 25 9.04 -19.46 23.22
CA GLU A 25 10.26 -18.82 23.69
C GLU A 25 10.77 -17.82 22.67
N LEU A 26 10.78 -18.21 21.39
CA LEU A 26 11.23 -17.29 20.33
C LEU A 26 10.23 -16.18 20.09
N ARG A 27 8.94 -16.51 20.07
CA ARG A 27 7.90 -15.47 19.94
C ARG A 27 8.05 -14.38 21.01
N GLN A 28 8.18 -14.78 22.28
CA GLN A 28 8.33 -13.79 23.35
C GLN A 28 9.64 -13.00 23.23
N ALA A 29 10.74 -13.66 22.88
CA ALA A 29 12.01 -12.98 22.70
C ALA A 29 12.00 -12.06 21.50
N LEU A 30 11.53 -12.56 20.35
CA LEU A 30 11.71 -11.87 19.06
C LEU A 30 10.60 -10.90 18.64
N MET A 31 9.36 -11.16 19.02
CA MET A 31 8.25 -10.30 18.60
C MET A 31 8.51 -8.82 18.92
N PRO A 32 9.03 -8.49 20.11
CA PRO A 32 9.24 -7.04 20.33
C PRO A 32 10.14 -6.34 19.32
N THR A 33 11.10 -7.06 18.71
CA THR A 33 11.97 -6.51 17.67
C THR A 33 11.20 -6.29 16.36
N LEU A 34 10.19 -7.12 16.12
CA LEU A 34 9.31 -6.97 14.95
C LEU A 34 8.29 -5.82 15.13
N GLU A 35 7.71 -5.75 16.34
CA GLU A 35 6.81 -4.67 16.72
C GLU A 35 7.51 -3.31 16.63
N ALA A 36 8.82 -3.29 16.92
CA ALA A 36 9.63 -2.09 16.78
C ALA A 36 9.71 -1.61 15.33
N LEU A 37 9.73 -2.54 14.38
CA LEU A 37 9.72 -2.19 12.96
C LEU A 37 8.34 -1.66 12.55
N TYR A 38 7.27 -2.32 12.95
CA TYR A 38 5.90 -1.84 12.69
C TYR A 38 5.62 -0.43 13.20
N ARG A 39 6.15 -0.07 14.36
CA ARG A 39 5.82 1.25 14.91
C ARG A 39 6.57 2.42 14.22
N GLN A 40 7.50 2.13 13.30
CA GLN A 40 8.12 3.18 12.48
C GLN A 40 7.11 3.66 11.43
N ASP A 41 6.79 4.94 11.50
CA ASP A 41 5.78 5.57 10.65
C ASP A 41 6.41 6.84 10.03
N PRO A 42 6.45 6.98 8.71
CA PRO A 42 5.80 6.10 7.73
C PRO A 42 6.68 4.97 7.20
N GLU A 43 7.80 4.68 7.84
CA GLU A 43 8.84 3.83 7.23
C GLU A 43 8.50 2.33 7.16
N SER A 44 7.61 1.85 8.03
CA SER A 44 7.15 0.46 7.93
C SER A 44 6.18 0.20 6.77
N LEU A 45 5.56 1.25 6.24
CA LEU A 45 4.40 1.05 5.35
C LEU A 45 4.69 0.28 4.06
N PRO A 46 5.89 0.44 3.46
CA PRO A 46 6.23 -0.40 2.29
C PRO A 46 6.45 -1.88 2.57
N PHE A 47 6.59 -2.24 3.84
CA PHE A 47 6.97 -3.56 4.24
C PHE A 47 5.87 -4.35 4.93
N ARG A 48 4.71 -3.73 5.09
CA ARG A 48 3.62 -4.35 5.86
C ARG A 48 2.87 -5.50 5.19
N GLN A 49 2.81 -5.50 3.88
CA GLN A 49 2.25 -6.63 3.14
C GLN A 49 3.21 -7.05 2.01
N PRO A 50 2.96 -8.23 1.40
CA PRO A 50 3.86 -8.69 0.35
C PRO A 50 3.85 -7.76 -0.89
N VAL A 51 5.00 -7.49 -1.48
CA VAL A 51 5.04 -6.75 -2.74
C VAL A 51 4.04 -7.33 -3.77
N ASP A 52 3.22 -6.46 -4.34
CA ASP A 52 2.20 -6.86 -5.32
C ASP A 52 2.51 -6.14 -6.66
N PRO A 53 3.31 -6.78 -7.55
CA PRO A 53 3.86 -6.05 -8.70
C PRO A 53 2.84 -5.41 -9.64
N GLN A 54 1.78 -6.15 -9.91
CA GLN A 54 0.69 -5.69 -10.77
C GLN A 54 -0.03 -4.47 -10.16
N LEU A 55 -0.34 -4.54 -8.88
CA LEU A 55 -1.04 -3.45 -8.19
C LEU A 55 -0.12 -2.23 -8.10
N LEU A 56 1.17 -2.46 -7.86
CA LEU A 56 2.14 -1.37 -7.72
C LEU A 56 2.68 -0.82 -9.03
N GLY A 57 2.37 -1.44 -10.17
CA GLY A 57 2.91 -1.01 -11.46
C GLY A 57 4.40 -1.23 -11.68
N ILE A 58 4.95 -2.30 -11.11
CA ILE A 58 6.38 -2.61 -11.21
C ILE A 58 6.55 -4.03 -11.75
N PRO A 59 6.22 -4.24 -13.05
CA PRO A 59 6.10 -5.60 -13.61
C PRO A 59 7.39 -6.43 -13.65
N ASP A 60 8.55 -5.77 -13.60
CA ASP A 60 9.85 -6.43 -13.54
C ASP A 60 10.29 -6.90 -12.13
N TYR A 61 9.39 -6.84 -11.12
CA TYR A 61 9.82 -7.12 -9.74
C TYR A 61 10.46 -8.49 -9.55
N PHE A 62 9.81 -9.55 -10.01
CA PHE A 62 10.31 -10.89 -9.88
C PHE A 62 11.41 -11.31 -10.90
N ASP A 63 11.79 -10.42 -11.82
CA ASP A 63 13.03 -10.57 -12.59
C ASP A 63 14.25 -10.26 -11.73
N ILE A 64 14.09 -9.33 -10.79
CA ILE A 64 15.17 -8.92 -9.89
C ILE A 64 15.15 -9.62 -8.54
N VAL A 65 13.97 -9.90 -8.00
CA VAL A 65 13.82 -10.43 -6.65
C VAL A 65 13.30 -11.84 -6.77
N LYS A 66 14.08 -12.81 -6.26
CA LYS A 66 13.75 -14.22 -6.40
C LYS A 66 12.93 -14.79 -5.23
N ASN A 67 13.15 -14.29 -4.02
CA ASN A 67 12.52 -14.83 -2.80
C ASN A 67 11.90 -13.68 -2.01
N PRO A 68 10.62 -13.36 -2.27
CA PRO A 68 10.05 -12.17 -1.62
C PRO A 68 9.87 -12.39 -0.12
N MET A 69 9.86 -11.30 0.64
CA MET A 69 9.66 -11.37 2.09
C MET A 69 9.13 -10.04 2.59
N ASP A 70 8.36 -10.08 3.67
CA ASP A 70 7.76 -8.88 4.22
C ASP A 70 7.36 -9.12 5.66
N LEU A 71 6.96 -8.06 6.33
CA LEU A 71 6.65 -8.10 7.74
C LEU A 71 5.50 -9.00 8.08
N SER A 72 4.46 -9.02 7.25
CA SER A 72 3.28 -9.84 7.55
C SER A 72 3.64 -11.32 7.50
N THR A 73 4.51 -11.70 6.56
CA THR A 73 4.97 -13.08 6.45
C THR A 73 5.83 -13.48 7.65
N ILE A 74 6.78 -12.62 8.01
CA ILE A 74 7.65 -12.86 9.17
C ILE A 74 6.82 -13.02 10.45
N LYS A 75 5.79 -12.18 10.56
CA LYS A 75 4.93 -12.17 11.73
C LYS A 75 4.14 -13.45 11.84
N ARG A 76 3.58 -13.87 10.71
CA ARG A 76 2.86 -15.14 10.68
C ARG A 76 3.77 -16.33 11.12
N LYS A 77 5.02 -16.33 10.63
CA LYS A 77 5.95 -17.42 10.91
C LYS A 77 6.27 -17.47 12.41
N LEU A 78 6.43 -16.31 13.04
CA LEU A 78 6.63 -16.24 14.50
C LEU A 78 5.39 -16.70 15.27
N ASP A 79 4.21 -16.28 14.83
CA ASP A 79 2.94 -16.68 15.45
C ASP A 79 2.56 -18.15 15.25
N THR A 80 3.02 -18.79 14.18
CA THR A 80 2.66 -20.17 13.93
C THR A 80 3.81 -21.17 14.22
N GLY A 81 4.85 -20.71 14.92
CA GLY A 81 5.94 -21.59 15.35
C GLY A 81 6.81 -22.16 14.24
N GLN A 82 7.03 -21.39 13.18
CA GLN A 82 7.83 -21.87 12.02
C GLN A 82 9.32 -21.60 12.17
N TYR A 83 9.72 -20.76 13.14
CA TYR A 83 11.14 -20.56 13.47
C TYR A 83 11.54 -21.48 14.62
N GLN A 84 12.65 -22.17 14.45
CA GLN A 84 13.24 -23.06 15.48
C GLN A 84 14.48 -22.46 16.16
N GLU A 85 15.11 -21.48 15.52
CA GLU A 85 16.39 -20.96 15.94
C GLU A 85 16.32 -19.46 15.56
N PRO A 86 16.85 -18.58 16.42
CA PRO A 86 16.70 -17.13 16.18
C PRO A 86 17.29 -16.59 14.88
N TRP A 87 18.35 -17.22 14.35
CA TRP A 87 18.93 -16.79 13.07
C TRP A 87 18.00 -17.01 11.86
N GLN A 88 17.04 -17.94 11.95
CA GLN A 88 16.05 -18.12 10.88
C GLN A 88 15.18 -16.86 10.72
N TYR A 89 14.75 -16.31 11.85
CA TYR A 89 14.03 -15.03 11.91
C TYR A 89 14.88 -13.86 11.39
N VAL A 90 16.10 -13.73 11.92
CA VAL A 90 17.04 -12.68 11.50
C VAL A 90 17.28 -12.76 9.99
N ASP A 91 17.46 -13.97 9.47
CA ASP A 91 17.60 -14.14 8.03
C ASP A 91 16.38 -13.65 7.23
N ASP A 92 15.16 -13.92 7.69
CA ASP A 92 13.97 -13.43 6.97
C ASP A 92 13.96 -11.88 7.03
N VAL A 93 14.29 -11.29 8.18
CA VAL A 93 14.31 -9.82 8.28
C VAL A 93 15.29 -9.23 7.26
N TRP A 94 16.50 -9.81 7.19
CA TRP A 94 17.53 -9.32 6.23
C TRP A 94 17.16 -9.61 4.82
N LEU A 95 16.52 -10.75 4.56
CA LEU A 95 15.99 -11.03 3.23
C LEU A 95 15.06 -9.90 2.74
N MET A 96 14.11 -9.50 3.58
CA MET A 96 13.20 -8.39 3.27
C MET A 96 13.97 -7.11 2.94
N PHE A 97 14.97 -6.76 3.76
CA PHE A 97 15.76 -5.52 3.54
C PHE A 97 16.64 -5.63 2.30
N ASN A 98 17.32 -6.75 2.12
CA ASN A 98 18.14 -6.96 0.91
C ASN A 98 17.35 -6.92 -0.39
N ASN A 99 16.13 -7.46 -0.40
CA ASN A 99 15.26 -7.35 -1.56
C ASN A 99 14.97 -5.87 -1.90
N ALA A 100 14.64 -5.05 -0.90
CA ALA A 100 14.26 -3.63 -1.13
C ALA A 100 15.45 -2.75 -1.53
N TRP A 101 16.59 -3.02 -0.94
CA TRP A 101 17.87 -2.40 -1.35
C TRP A 101 18.27 -2.78 -2.78
N LEU A 102 18.03 -4.03 -3.17
CA LEU A 102 18.37 -4.51 -4.50
C LEU A 102 17.47 -3.88 -5.56
N TYR A 103 16.16 -3.91 -5.32
CA TYR A 103 15.20 -3.50 -6.34
C TYR A 103 15.15 -1.98 -6.54
N ASN A 104 15.17 -1.24 -5.46
CA ASN A 104 14.86 0.18 -5.50
C ASN A 104 16.18 0.96 -5.61
N ARG A 105 16.13 2.13 -6.26
CA ARG A 105 17.29 3.01 -6.42
C ARG A 105 17.66 3.66 -5.08
N LYS A 106 18.96 3.89 -4.88
CA LYS A 106 19.51 4.55 -3.68
C LYS A 106 18.77 5.79 -3.23
N THR A 107 18.29 6.56 -4.20
CA THR A 107 17.58 7.82 -3.95
C THR A 107 16.06 7.71 -3.71
N SER A 108 15.47 6.52 -3.85
CA SER A 108 14.01 6.37 -3.71
C SER A 108 13.57 6.38 -2.25
N ARG A 109 12.31 6.74 -2.04
CA ARG A 109 11.68 6.77 -0.72
C ARG A 109 11.63 5.35 -0.06
N VAL A 110 11.40 4.31 -0.87
CA VAL A 110 11.37 2.93 -0.33
C VAL A 110 12.76 2.49 0.13
N TYR A 111 13.79 2.80 -0.65
CA TYR A 111 15.19 2.49 -0.25
C TYR A 111 15.54 3.12 1.08
N LYS A 112 15.20 4.39 1.27
CA LYS A 112 15.56 5.12 2.49
C LYS A 112 14.78 4.63 3.71
N PHE A 113 13.49 4.38 3.51
CA PHE A 113 12.65 3.75 4.53
C PHE A 113 13.24 2.41 4.96
N CYS A 114 13.77 1.64 4.00
CA CYS A 114 14.43 0.37 4.30
C CYS A 114 15.64 0.55 5.22
N SER A 115 16.50 1.52 4.90
CA SER A 115 17.69 1.83 5.71
C SER A 115 17.31 2.26 7.11
N LYS A 116 16.29 3.10 7.22
CA LYS A 116 15.73 3.46 8.53
C LYS A 116 15.29 2.21 9.33
N LEU A 117 14.54 1.29 8.72
CA LEU A 117 14.13 0.04 9.43
C LEU A 117 15.32 -0.84 9.82
N ALA A 118 16.29 -0.95 8.93
CA ALA A 118 17.47 -1.76 9.19
C ALA A 118 18.29 -1.22 10.37
N GLU A 119 18.44 0.12 10.45
CA GLU A 119 19.03 0.76 11.64
C GLU A 119 18.30 0.39 12.92
N VAL A 120 16.98 0.55 12.88
CA VAL A 120 16.15 0.25 14.02
C VAL A 120 16.27 -1.23 14.38
N PHE A 121 16.32 -2.09 13.38
CA PHE A 121 16.53 -3.53 13.60
C PHE A 121 17.87 -3.84 14.25
N GLU A 122 18.96 -3.27 13.76
CA GLU A 122 20.30 -3.56 14.29
C GLU A 122 20.42 -3.27 15.79
N GLN A 123 19.87 -2.12 16.20
CA GLN A 123 19.81 -1.77 17.62
C GLN A 123 18.93 -2.71 18.45
N GLU A 124 17.73 -3.03 17.97
CA GLU A 124 16.78 -3.86 18.74
C GLU A 124 17.20 -5.34 18.85
N ILE A 125 17.87 -5.87 17.82
CA ILE A 125 18.13 -7.33 17.71
C ILE A 125 19.34 -7.80 18.53
N ASP A 126 20.39 -6.99 18.58
CA ASP A 126 21.64 -7.34 19.27
C ASP A 126 21.50 -7.80 20.74
N PRO A 127 20.88 -6.99 21.61
CA PRO A 127 20.61 -7.46 22.97
C PRO A 127 19.79 -8.74 23.06
N VAL A 128 18.77 -8.86 22.20
CA VAL A 128 17.88 -10.01 22.22
C VAL A 128 18.71 -11.27 21.88
N MET A 129 19.60 -11.14 20.90
CA MET A 129 20.44 -12.25 20.43
C MET A 129 21.48 -12.67 21.45
N GLN A 130 22.07 -11.71 22.15
CA GLN A 130 22.95 -11.99 23.28
C GLN A 130 22.23 -12.69 24.44
N SER A 131 21.03 -12.22 24.79
CA SER A 131 20.23 -12.86 25.85
C SER A 131 19.80 -14.31 25.53
N LEU A 132 19.57 -14.61 24.25
CA LEU A 132 19.24 -15.98 23.82
C LEU A 132 20.47 -16.89 23.86
N GLY A 133 21.62 -16.37 23.44
CA GLY A 133 22.86 -17.15 23.39
C GLY A 133 22.86 -18.13 22.23
N LYS B 19 -32.61 10.03 -19.48
CA LYS B 19 -31.66 9.49 -20.51
C LYS B 19 -30.91 8.25 -19.97
N ILE B 20 -30.89 7.21 -20.81
CA ILE B 20 -30.34 5.89 -20.50
C ILE B 20 -29.06 5.70 -21.29
N PHE B 21 -28.00 5.23 -20.63
CA PHE B 21 -26.70 5.05 -21.29
C PHE B 21 -26.37 3.59 -21.29
N LYS B 22 -25.78 3.12 -22.37
CA LYS B 22 -25.33 1.73 -22.46
C LYS B 22 -24.07 1.55 -21.58
N PRO B 23 -24.01 0.47 -20.77
CA PRO B 23 -22.78 0.24 -19.95
C PRO B 23 -21.47 0.25 -20.76
N GLU B 24 -21.45 -0.47 -21.89
CA GLU B 24 -20.26 -0.48 -22.76
C GLU B 24 -19.91 0.90 -23.33
N GLU B 25 -20.90 1.76 -23.51
CA GLU B 25 -20.73 3.17 -23.96
C GLU B 25 -20.07 4.06 -22.86
N LEU B 26 -20.51 3.86 -21.62
CA LEU B 26 -19.94 4.60 -20.48
C LEU B 26 -18.50 4.14 -20.24
N ARG B 27 -18.26 2.83 -20.29
CA ARG B 27 -16.91 2.27 -20.11
C ARG B 27 -15.91 2.87 -21.12
N GLN B 28 -16.21 2.76 -22.41
CA GLN B 28 -15.35 3.29 -23.47
C GLN B 28 -15.09 4.80 -23.33
N ALA B 29 -16.12 5.57 -23.03
CA ALA B 29 -15.95 7.03 -22.87
C ALA B 29 -15.20 7.45 -21.59
N LEU B 30 -15.48 6.79 -20.46
CA LEU B 30 -15.00 7.25 -19.15
C LEU B 30 -13.72 6.55 -18.70
N MET B 31 -13.47 5.34 -19.20
CA MET B 31 -12.30 4.60 -18.75
C MET B 31 -10.99 5.32 -19.02
N PRO B 32 -10.87 6.04 -20.16
CA PRO B 32 -9.66 6.88 -20.34
C PRO B 32 -9.43 7.93 -19.23
N THR B 33 -10.50 8.46 -18.66
CA THR B 33 -10.35 9.42 -17.55
C THR B 33 -9.78 8.73 -16.32
N LEU B 34 -10.14 7.46 -16.10
CA LEU B 34 -9.60 6.71 -14.94
C LEU B 34 -8.15 6.30 -15.15
N GLU B 35 -7.83 5.87 -16.38
CA GLU B 35 -6.47 5.48 -16.78
C GLU B 35 -5.46 6.61 -16.57
N ALA B 36 -5.87 7.84 -16.87
CA ALA B 36 -5.06 9.03 -16.62
C ALA B 36 -4.70 9.19 -15.15
N LEU B 37 -5.62 8.84 -14.24
CA LEU B 37 -5.31 8.87 -12.81
C LEU B 37 -4.31 7.77 -12.47
N TYR B 38 -4.59 6.55 -12.93
CA TYR B 38 -3.67 5.44 -12.70
C TYR B 38 -2.25 5.76 -13.20
N ARG B 39 -2.15 6.47 -14.32
CA ARG B 39 -0.87 6.87 -14.89
C ARG B 39 0.04 7.75 -14.01
N GLN B 40 -0.54 8.50 -13.08
CA GLN B 40 0.25 9.35 -12.14
C GLN B 40 1.06 8.49 -11.16
N ASP B 41 2.39 8.43 -11.34
CA ASP B 41 3.18 7.31 -10.83
C ASP B 41 3.23 7.23 -9.32
N PRO B 42 3.88 8.21 -8.63
CA PRO B 42 3.71 8.05 -7.19
C PRO B 42 2.26 8.38 -6.74
N GLU B 43 1.61 9.33 -7.41
CA GLU B 43 0.43 9.99 -6.88
C GLU B 43 -0.85 9.12 -6.85
N SER B 44 -0.99 8.21 -7.79
CA SER B 44 -2.10 7.25 -7.73
C SER B 44 -1.94 6.16 -6.65
N LEU B 45 -0.74 5.94 -6.11
CA LEU B 45 -0.49 4.78 -5.25
C LEU B 45 -1.41 4.65 -4.00
N PRO B 46 -1.65 5.77 -3.27
CA PRO B 46 -2.61 5.69 -2.16
C PRO B 46 -4.07 5.37 -2.52
N PHE B 47 -4.42 5.38 -3.82
CA PHE B 47 -5.80 5.25 -4.30
C PHE B 47 -6.08 3.97 -5.08
N ARG B 48 -5.05 3.14 -5.27
CA ARG B 48 -5.19 1.97 -6.13
C ARG B 48 -5.98 0.82 -5.52
N GLN B 49 -6.01 0.74 -4.20
CA GLN B 49 -6.82 -0.27 -3.53
C GLN B 49 -7.54 0.39 -2.36
N PRO B 50 -8.59 -0.28 -1.83
CA PRO B 50 -9.36 0.31 -0.71
C PRO B 50 -8.52 0.55 0.52
N VAL B 51 -8.79 1.64 1.23
CA VAL B 51 -8.09 1.95 2.46
C VAL B 51 -8.29 0.75 3.40
N ASP B 52 -7.19 0.28 3.99
CA ASP B 52 -7.17 -0.91 4.85
C ASP B 52 -6.70 -0.46 6.28
N PRO B 53 -7.66 -0.07 7.16
CA PRO B 53 -7.30 0.60 8.43
C PRO B 53 -6.40 -0.20 9.39
N GLN B 54 -6.66 -1.49 9.55
CA GLN B 54 -5.81 -2.34 10.37
C GLN B 54 -4.42 -2.45 9.79
N LEU B 55 -4.31 -2.63 8.48
CA LEU B 55 -2.99 -2.81 7.87
C LEU B 55 -2.21 -1.51 7.87
N LEU B 56 -2.90 -0.40 7.63
CA LEU B 56 -2.26 0.94 7.60
C LEU B 56 -2.02 1.56 8.99
N GLY B 57 -2.54 0.91 10.04
CA GLY B 57 -2.42 1.43 11.39
C GLY B 57 -3.22 2.69 11.69
N ILE B 58 -4.39 2.83 11.06
CA ILE B 58 -5.24 4.05 11.18
C ILE B 58 -6.65 3.65 11.57
N PRO B 59 -6.80 3.09 12.79
CA PRO B 59 -8.04 2.43 13.15
C PRO B 59 -9.25 3.35 13.42
N ASP B 60 -9.05 4.68 13.37
CA ASP B 60 -10.16 5.64 13.42
C ASP B 60 -10.72 6.01 12.01
N TYR B 61 -10.15 5.45 10.93
CA TYR B 61 -10.54 5.85 9.56
C TYR B 61 -12.05 5.92 9.38
N PHE B 62 -12.73 4.82 9.71
CA PHE B 62 -14.16 4.71 9.62
C PHE B 62 -15.02 5.44 10.69
N ASP B 63 -14.39 6.13 11.65
CA ASP B 63 -15.09 7.12 12.48
C ASP B 63 -15.32 8.35 11.61
N ILE B 64 -14.31 8.67 10.80
CA ILE B 64 -14.26 9.89 9.99
C ILE B 64 -14.81 9.75 8.57
N VAL B 65 -14.60 8.60 7.92
CA VAL B 65 -14.95 8.41 6.51
C VAL B 65 -16.09 7.41 6.50
N LYS B 66 -17.22 7.87 5.99
CA LYS B 66 -18.47 7.14 6.08
C LYS B 66 -18.61 6.17 4.90
N ASN B 67 -18.27 6.64 3.69
CA ASN B 67 -18.36 5.83 2.46
C ASN B 67 -16.98 5.76 1.75
N PRO B 68 -16.23 4.66 1.96
CA PRO B 68 -14.89 4.59 1.34
C PRO B 68 -14.98 4.46 -0.19
N MET B 69 -13.99 4.95 -0.91
CA MET B 69 -13.98 4.74 -2.36
C MET B 69 -12.56 4.79 -2.86
N ASP B 70 -12.28 4.09 -3.96
CA ASP B 70 -10.92 4.01 -4.49
C ASP B 70 -10.94 3.60 -5.97
N LEU B 71 -9.78 3.71 -6.63
CA LEU B 71 -9.71 3.48 -8.06
C LEU B 71 -10.17 2.08 -8.46
N SER B 72 -9.87 1.05 -7.68
CA SER B 72 -10.19 -0.34 -8.10
C SER B 72 -11.70 -0.61 -8.02
N THR B 73 -12.35 0.01 -7.04
CA THR B 73 -13.80 -0.06 -6.96
C THR B 73 -14.45 0.67 -8.13
N ILE B 74 -13.97 1.86 -8.43
CA ILE B 74 -14.51 2.63 -9.56
C ILE B 74 -14.30 1.85 -10.84
N LYS B 75 -13.12 1.25 -10.97
CA LYS B 75 -12.78 0.45 -12.13
C LYS B 75 -13.68 -0.77 -12.27
N ARG B 76 -13.87 -1.53 -11.20
CA ARG B 76 -14.77 -2.68 -11.24
C ARG B 76 -16.24 -2.25 -11.57
N LYS B 77 -16.69 -1.13 -11.02
CA LYS B 77 -18.04 -0.66 -11.32
C LYS B 77 -18.20 -0.28 -12.79
N LEU B 78 -17.21 0.39 -13.38
CA LEU B 78 -17.24 0.62 -14.84
C LEU B 78 -17.21 -0.68 -15.67
N ASP B 79 -16.37 -1.62 -15.27
CA ASP B 79 -16.22 -2.89 -16.02
C ASP B 79 -17.45 -3.79 -15.96
N THR B 80 -18.24 -3.70 -14.89
CA THR B 80 -19.36 -4.60 -14.69
C THR B 80 -20.71 -3.89 -14.85
N GLY B 81 -20.71 -2.65 -15.34
CA GLY B 81 -21.94 -1.92 -15.67
C GLY B 81 -22.77 -1.41 -14.50
N GLN B 82 -22.14 -1.02 -13.40
CA GLN B 82 -22.90 -0.57 -12.23
C GLN B 82 -23.27 0.90 -12.26
N TYR B 83 -22.85 1.63 -13.29
CA TYR B 83 -23.24 3.04 -13.48
C TYR B 83 -24.33 3.12 -14.53
N GLN B 84 -25.42 3.82 -14.19
CA GLN B 84 -26.54 4.05 -15.12
C GLN B 84 -26.28 5.31 -15.98
N GLU B 85 -25.70 6.34 -15.37
CA GLU B 85 -25.42 7.59 -16.05
C GLU B 85 -24.01 8.13 -15.67
N PRO B 86 -23.42 8.99 -16.50
CA PRO B 86 -22.07 9.49 -16.26
C PRO B 86 -21.79 10.19 -14.93
N TRP B 87 -22.78 10.87 -14.35
CA TRP B 87 -22.53 11.62 -13.09
C TRP B 87 -22.35 10.74 -11.85
N GLN B 88 -22.79 9.49 -11.91
CA GLN B 88 -22.53 8.53 -10.85
C GLN B 88 -21.04 8.17 -10.78
N TYR B 89 -20.43 7.94 -11.95
CA TYR B 89 -18.98 7.78 -12.06
C TYR B 89 -18.27 9.00 -11.49
N VAL B 90 -18.60 10.17 -12.02
CA VAL B 90 -17.98 11.42 -11.57
C VAL B 90 -18.10 11.61 -10.06
N ASP B 91 -19.24 11.25 -9.48
CA ASP B 91 -19.44 11.38 -8.04
C ASP B 91 -18.57 10.42 -7.23
N ASP B 92 -18.40 9.18 -7.70
CA ASP B 92 -17.43 8.27 -7.03
C ASP B 92 -16.01 8.81 -7.05
N VAL B 93 -15.62 9.44 -8.16
CA VAL B 93 -14.26 9.98 -8.25
C VAL B 93 -14.07 11.08 -7.21
N TRP B 94 -15.04 12.00 -7.09
CA TRP B 94 -15.00 13.06 -6.05
C TRP B 94 -15.15 12.51 -4.65
N LEU B 95 -15.99 11.49 -4.47
CA LEU B 95 -16.08 10.82 -3.16
C LEU B 95 -14.72 10.30 -2.66
N MET B 96 -13.94 9.70 -3.56
CA MET B 96 -12.57 9.25 -3.25
C MET B 96 -11.68 10.42 -2.82
N PHE B 97 -11.62 11.44 -3.65
CA PHE B 97 -10.79 12.62 -3.35
C PHE B 97 -11.22 13.32 -2.06
N ASN B 98 -12.53 13.47 -1.87
CA ASN B 98 -13.05 14.18 -0.68
C ASN B 98 -12.74 13.41 0.61
N ASN B 99 -12.93 12.08 0.59
CA ASN B 99 -12.47 11.22 1.68
C ASN B 99 -10.99 11.46 2.02
N ALA B 100 -10.11 11.48 1.02
CA ALA B 100 -8.69 11.69 1.30
C ALA B 100 -8.40 13.10 1.83
N TRP B 101 -9.04 14.09 1.24
CA TRP B 101 -8.91 15.48 1.69
C TRP B 101 -9.38 15.62 3.12
N LEU B 102 -10.55 15.05 3.42
CA LEU B 102 -11.10 15.07 4.77
C LEU B 102 -10.19 14.41 5.81
N TYR B 103 -9.83 13.15 5.57
CA TYR B 103 -9.15 12.33 6.58
C TYR B 103 -7.72 12.76 6.89
N ASN B 104 -6.97 13.15 5.86
CA ASN B 104 -5.52 13.35 5.98
C ASN B 104 -5.20 14.84 6.17
N ARG B 105 -4.10 15.14 6.86
CA ARG B 105 -3.72 16.53 7.12
C ARG B 105 -3.31 17.26 5.84
N LYS B 106 -3.59 18.57 5.81
CA LYS B 106 -3.27 19.48 4.68
C LYS B 106 -1.83 19.33 4.14
N THR B 107 -0.89 19.04 5.04
CA THR B 107 0.53 18.89 4.72
C THR B 107 0.96 17.45 4.33
N SER B 108 0.12 16.45 4.61
CA SER B 108 0.46 15.05 4.37
C SER B 108 0.68 14.71 2.90
N ARG B 109 1.45 13.64 2.67
CA ARG B 109 1.74 13.16 1.33
C ARG B 109 0.47 12.73 0.60
N VAL B 110 -0.41 12.04 1.31
CA VAL B 110 -1.64 11.56 0.69
C VAL B 110 -2.50 12.76 0.26
N TYR B 111 -2.65 13.75 1.14
CA TYR B 111 -3.43 14.97 0.80
C TYR B 111 -2.93 15.63 -0.48
N LYS B 112 -1.61 15.71 -0.66
CA LYS B 112 -1.02 16.41 -1.82
C LYS B 112 -0.99 15.58 -3.11
N PHE B 113 -0.95 14.25 -2.95
CA PHE B 113 -1.16 13.31 -4.06
C PHE B 113 -2.61 13.37 -4.55
N CYS B 114 -3.56 13.46 -3.62
CA CYS B 114 -4.96 13.67 -3.95
C CYS B 114 -5.15 14.89 -4.83
N SER B 115 -4.45 15.99 -4.48
CA SER B 115 -4.59 17.27 -5.19
C SER B 115 -4.08 17.18 -6.62
N LYS B 116 -2.92 16.54 -6.80
CA LYS B 116 -2.42 16.25 -8.15
C LYS B 116 -3.37 15.38 -8.98
N LEU B 117 -3.95 14.34 -8.37
CA LEU B 117 -4.94 13.52 -9.09
C LEU B 117 -6.18 14.31 -9.47
N ALA B 118 -6.69 15.10 -8.54
CA ALA B 118 -7.92 15.87 -8.83
C ALA B 118 -7.69 16.97 -9.89
N GLU B 119 -6.47 17.47 -10.02
CA GLU B 119 -6.13 18.40 -11.10
C GLU B 119 -6.23 17.66 -12.42
N VAL B 120 -5.56 16.50 -12.48
CA VAL B 120 -5.56 15.65 -13.68
C VAL B 120 -7.00 15.25 -14.05
N PHE B 121 -7.83 14.95 -13.05
CA PHE B 121 -9.23 14.62 -13.31
C PHE B 121 -10.02 15.81 -13.86
N GLU B 122 -9.84 17.00 -13.26
CA GLU B 122 -10.58 18.22 -13.70
C GLU B 122 -10.33 18.53 -15.18
N GLN B 123 -9.07 18.42 -15.58
CA GLN B 123 -8.69 18.56 -16.98
C GLN B 123 -9.32 17.51 -17.89
N GLU B 124 -9.20 16.23 -17.53
CA GLU B 124 -9.68 15.14 -18.40
C GLU B 124 -11.21 15.05 -18.55
N ILE B 125 -11.94 15.35 -17.48
CA ILE B 125 -13.37 15.01 -17.41
C ILE B 125 -14.30 15.94 -18.21
N ASP B 126 -13.93 17.22 -18.37
CA ASP B 126 -14.75 18.19 -19.13
C ASP B 126 -15.16 17.72 -20.53
N PRO B 127 -14.20 17.54 -21.45
CA PRO B 127 -14.60 17.11 -22.79
C PRO B 127 -15.39 15.78 -22.88
N VAL B 128 -15.09 14.82 -22.01
CA VAL B 128 -15.78 13.52 -22.04
C VAL B 128 -17.27 13.69 -21.67
N MET B 129 -17.53 14.52 -20.66
CA MET B 129 -18.91 14.80 -20.22
C MET B 129 -19.75 15.60 -21.25
N GLN B 130 -19.10 16.46 -22.04
CA GLN B 130 -19.71 17.08 -23.24
C GLN B 130 -20.12 16.01 -24.27
N SER B 131 -19.16 15.16 -24.62
CA SER B 131 -19.33 14.11 -25.63
C SER B 131 -20.41 13.05 -25.33
N LEU B 132 -20.80 12.91 -24.06
CA LEU B 132 -21.96 12.08 -23.67
C LEU B 132 -23.23 12.92 -23.47
N GLY B 133 -23.08 14.14 -22.96
CA GLY B 133 -24.18 15.07 -22.71
C GLY B 133 -24.47 15.19 -21.23
CBH GHF C . 2.23 8.08 2.26
CBI GHF C . 1.08 7.34 2.89
CBG GHF C . 2.45 6.90 3.13
NBD GHF C . 2.95 5.64 2.49
CBC GHF C . 2.33 4.48 2.27
NBE GHF C . 4.21 5.54 2.05
CBF GHF C . 4.35 4.31 1.54
CBA GHF C . 3.18 3.62 1.67
CAV GHF C . 2.92 2.33 1.29
CAW GHF C . 3.77 1.57 0.45
FAZ GHF C . 4.89 2.12 -0.02
CAU GHF C . 1.76 1.66 1.74
CAT GHF C . 1.45 0.32 1.39
CAX GHF C . 0.24 -0.25 1.93
CAY GHF C . 0.54 -1.01 3.22
OBB GHF C . -0.45 -1.13 1.06
CAS GHF C . 2.31 -0.38 0.54
CAP GHF C . 3.45 0.25 0.01
NAO GHF C . 4.40 -0.41 -0.72
CAM GHF C . 4.93 -0.02 -1.94
OAN GHF C . 4.46 0.97 -2.53
CAI GHF C . 6.11 -0.61 -2.37
CAH GHF C . 6.91 -1.47 -1.67
CAF GHF C . 6.79 -0.30 -3.53
CAA GHF C . 6.53 0.51 -4.60
CAB GHF C . 7.41 0.64 -5.70
OAQ GHF C . 7.19 1.43 -6.80
CAR GHF C . 6.02 2.23 -6.92
CAC GHF C . 8.60 -0.09 -5.71
CAD GHF C . 8.87 -0.94 -4.62
NAE GHF C . 7.94 -1.02 -3.55
CAG GHF C . 7.99 -1.75 -2.41
CAJ GHF C . 9.03 -2.59 -2.05
OAL GHF C . 10.06 -2.75 -2.73
CAK GHF C . 9.01 -3.23 -0.65
CBH GHF D . 6.64 5.25 -1.83
CBI GHF D . 6.53 4.06 -2.68
CBG GHF D . 5.56 5.16 -2.82
NBD GHF D . 4.21 5.01 -2.22
CBC GHF D . 3.37 3.96 -2.13
NBE GHF D . 3.60 6.09 -1.69
CBF GHF D . 2.42 5.69 -1.25
CBA GHF D . 2.24 4.36 -1.52
CAV GHF D . 1.12 3.59 -1.23
CAW GHF D . 0.06 4.05 -0.40
FAZ GHF D . 0.12 5.26 0.12
CAU GHF D . 0.97 2.29 -1.76
CAT GHF D . -0.12 1.48 -1.48
CAX GHF D . -0.18 0.21 -2.07
CAY GHF D . -0.95 0.32 -3.39
OBB GHF D . -0.88 -0.78 -1.30
CAS GHF D . -1.15 1.97 -0.65
CAP GHF D . -1.05 3.25 -0.07
NAO GHF D . -2.05 3.83 0.67
CAM GHF D . -1.88 4.47 1.89
OAN GHF D . -0.78 4.44 2.47
CAI GHF D . -2.89 5.29 2.37
CAH GHF D . -3.97 5.74 1.68
CAF GHF D . -2.95 5.90 3.58
CAA GHF D . -2.15 5.84 4.67
CAB GHF D . -2.46 6.58 5.85
OAQ GHF D . -1.69 6.55 6.99
CAR GHF D . -0.39 5.92 7.04
CAC GHF D . -3.60 7.38 5.89
CAD GHF D . -4.43 7.41 4.79
NAE GHF D . -4.07 6.66 3.63
CAG GHF D . -4.70 6.57 2.45
CAJ GHF D . -5.86 7.20 2.09
OAL GHF D . -6.52 7.95 2.82
CAK GHF D . -6.37 6.99 0.65
C1 GOL E . -10.58 21.22 -0.85
O1 GOL E . -9.28 20.79 -0.42
C2 GOL E . -11.62 20.18 -0.43
O2 GOL E . -11.40 19.76 0.93
C3 GOL E . -13.03 20.74 -0.63
O3 GOL E . -14.02 19.70 -0.53
#